data_4YO8
#
_entry.id   4YO8
#
_cell.length_a   65.091
_cell.length_b   69.446
_cell.length_c   65.566
_cell.angle_alpha   90.000
_cell.angle_beta   113.080
_cell.angle_gamma   90.000
#
_symmetry.space_group_name_H-M   'P 1 21 1'
#
loop_
_entity.id
_entity.type
_entity.pdbx_description
1 polymer 'Aminodeoxyfutalosine nucleosidase'
2 non-polymer {[(4-amino-5H-pyrrolo[3,2-d]pyrimidin-7-yl)methyl](hexyl)amino}methanol
3 non-polymer 'ZINC ION'
4 water water
#
_entity_poly.entity_id   1
_entity_poly.type   'polypeptide(L)'
_entity_poly.pdbx_seq_one_letter_code
;MGHHHHHHENLYFQGVQKIGILGAMREEITPILELFGVDFEEIPLGGNVFHKGVYHNKEIIVAYSKIGKVHSTLTTTSMI
LAFGVQKVLFSGVAGSLVKDLKINDLLVATQLVQHDVDLSAFDHPLGFIPESAIFIETSGSLNALAKKIANEQHIALKEG
VIASGDQFVHSKERKEFLVSEFKASAVEMEGASVAFVCQKFGVPCCVLRSISDNADEKAGMSFDEFLEKSAHTSAKFLKS
MVDEL
;
_entity_poly.pdbx_strand_id   A,B
#
loop_
_chem_comp.id
_chem_comp.type
_chem_comp.name
_chem_comp.formula
4EZ non-polymer {[(4-amino-5H-pyrrolo[3,2-d]pyrimidin-7-yl)methyl](hexyl)amino}methanol 'C14 H23 N5 O'
ZN non-polymer 'ZINC ION' 'Zn 2'
#
# COMPACT_ATOMS: atom_id res chain seq x y z
N HIS A 8 3.93 -15.43 36.59
CA HIS A 8 5.37 -15.75 36.26
C HIS A 8 6.01 -14.70 35.32
N GLU A 9 5.80 -13.43 35.64
CA GLU A 9 6.26 -12.29 34.82
C GLU A 9 7.75 -12.37 34.48
N ASN A 10 8.57 -12.52 35.53
CA ASN A 10 10.03 -12.69 35.41
C ASN A 10 10.51 -13.62 34.27
N LEU A 11 9.70 -14.63 33.93
CA LEU A 11 10.00 -15.55 32.83
C LEU A 11 9.67 -14.99 31.44
N TYR A 12 8.67 -14.10 31.33
CA TYR A 12 8.31 -13.47 30.05
C TYR A 12 9.16 -12.20 29.77
N PHE A 13 8.95 -11.61 28.59
CA PHE A 13 9.67 -10.36 28.20
C PHE A 13 9.55 -9.27 29.28
N GLN A 14 10.67 -8.68 29.66
CA GLN A 14 10.71 -7.70 30.75
C GLN A 14 10.74 -6.23 30.29
N GLY A 15 11.12 -5.98 29.03
CA GLY A 15 11.26 -4.61 28.52
C GLY A 15 9.96 -3.83 28.32
N VAL A 16 10.10 -2.63 27.74
CA VAL A 16 8.97 -1.73 27.48
C VAL A 16 8.18 -2.25 26.30
N GLN A 17 6.92 -2.55 26.55
CA GLN A 17 6.06 -3.06 25.51
C GLN A 17 5.36 -1.88 24.82
N LYS A 18 5.21 -1.98 23.51
CA LYS A 18 4.46 -1.02 22.74
C LYS A 18 3.57 -1.81 21.83
N ILE A 19 2.29 -1.46 21.81
CA ILE A 19 1.30 -2.19 21.08
C ILE A 19 0.56 -1.23 20.18
N GLY A 20 0.45 -1.58 18.90
CA GLY A 20 -0.26 -0.77 17.91
C GLY A 20 -1.67 -1.28 17.81
N ILE A 21 -2.63 -0.37 17.69
CA ILE A 21 -4.05 -0.71 17.62
C ILE A 21 -4.65 0.08 16.46
N LEU A 22 -5.21 -0.63 15.49
CA LEU A 22 -5.67 -0.03 14.26
C LEU A 22 -7.11 -0.32 13.95
N GLY A 23 -7.79 0.70 13.45
CA GLY A 23 -9.03 0.55 12.72
C GLY A 23 -8.82 1.16 11.35
N ALA A 24 -9.77 0.94 10.44
CA ALA A 24 -9.71 1.55 9.14
C ALA A 24 -10.42 2.90 9.15
N MET A 25 -11.54 2.97 9.85
CA MET A 25 -12.35 4.18 9.90
C MET A 25 -12.38 4.72 11.32
N ARG A 26 -12.58 6.03 11.44
CA ARG A 26 -12.75 6.68 12.75
C ARG A 26 -13.80 5.98 13.64
N GLU A 27 -14.90 5.56 13.05
CA GLU A 27 -15.97 4.88 13.80
C GLU A 27 -15.48 3.55 14.43
N GLU A 28 -14.41 2.98 13.90
CA GLU A 28 -13.85 1.74 14.42
C GLU A 28 -12.91 1.96 15.61
N ILE A 29 -12.37 3.17 15.76
CA ILE A 29 -11.46 3.46 16.90
C ILE A 29 -12.05 4.33 18.04
N THR A 30 -13.07 5.11 17.73
CA THR A 30 -13.75 5.90 18.76
C THR A 30 -14.10 5.02 19.97
N PRO A 31 -14.78 3.88 19.75
CA PRO A 31 -15.08 3.04 20.91
C PRO A 31 -13.85 2.47 21.62
N ILE A 32 -12.75 2.32 20.89
CA ILE A 32 -11.53 1.77 21.46
C ILE A 32 -10.93 2.79 22.40
N LEU A 33 -10.85 4.02 21.92
CA LEU A 33 -10.28 5.10 22.70
C LEU A 33 -11.06 5.27 24.00
N GLU A 34 -12.38 5.25 23.87
CA GLU A 34 -13.27 5.42 24.99
C GLU A 34 -13.06 4.27 25.97
N LEU A 35 -12.98 3.04 25.48
CA LEU A 35 -12.79 1.92 26.37
C LEU A 35 -11.49 1.99 27.18
N PHE A 36 -10.43 2.51 26.62
CA PHE A 36 -9.18 2.54 27.38
C PHE A 36 -9.24 3.60 28.46
N GLY A 37 -9.90 4.70 28.16
CA GLY A 37 -10.20 5.70 29.17
C GLY A 37 -9.04 6.58 29.54
N VAL A 38 -7.81 6.13 29.31
CA VAL A 38 -6.62 6.94 29.62
C VAL A 38 -6.50 8.16 28.71
N ASP A 39 -5.56 9.04 29.05
CA ASP A 39 -5.30 10.24 28.26
C ASP A 39 -4.45 9.87 27.08
N PHE A 40 -4.75 10.48 25.95
CA PHE A 40 -4.05 10.21 24.69
C PHE A 40 -3.41 11.46 24.13
N GLU A 41 -2.10 11.41 23.98
CA GLU A 41 -1.39 12.39 23.14
C GLU A 41 -1.68 12.11 21.66
N GLU A 42 -2.15 13.12 20.94
CA GLU A 42 -2.26 13.03 19.51
C GLU A 42 -0.96 13.45 18.83
N ILE A 43 -0.46 12.60 17.92
CA ILE A 43 0.75 12.84 17.14
C ILE A 43 0.48 12.59 15.66
N PRO A 44 0.55 13.63 14.83
CA PRO A 44 0.25 13.46 13.41
C PRO A 44 1.49 13.07 12.64
N LEU A 45 1.33 12.21 11.64
CA LEU A 45 2.44 11.73 10.84
C LEU A 45 1.86 11.10 9.59
N GLY A 46 2.37 11.52 8.44
CA GLY A 46 1.96 10.96 7.15
C GLY A 46 0.45 10.93 6.93
N GLY A 47 -0.24 11.99 7.38
CA GLY A 47 -1.68 12.15 7.15
C GLY A 47 -2.57 11.33 8.07
N ASN A 48 -1.98 10.70 9.08
CA ASN A 48 -2.73 10.01 10.13
C ASN A 48 -2.45 10.73 11.44
N VAL A 49 -3.31 10.48 12.43
CA VAL A 49 -3.15 10.98 13.78
C VAL A 49 -3.02 9.75 14.65
N PHE A 50 -1.90 9.65 15.35
CA PHE A 50 -1.65 8.55 16.24
C PHE A 50 -1.91 8.95 17.68
N HIS A 51 -2.76 8.18 18.34
CA HIS A 51 -3.18 8.44 19.67
C HIS A 51 -2.32 7.62 20.62
N LYS A 52 -1.43 8.31 21.33
CA LYS A 52 -0.46 7.65 22.19
C LYS A 52 -0.84 7.80 23.67
N GLY A 53 -0.90 6.67 24.36
CA GLY A 53 -1.31 6.62 25.76
C GLY A 53 -0.56 5.50 26.46
N VAL A 54 -0.82 5.33 27.75
CA VAL A 54 -0.17 4.31 28.54
C VAL A 54 -1.24 3.54 29.27
N TYR A 55 -1.10 2.22 29.30
CA TYR A 55 -2.03 1.36 29.98
C TYR A 55 -1.27 0.09 30.40
N HIS A 56 -1.37 -0.29 31.67
CA HIS A 56 -0.64 -1.44 32.20
C HIS A 56 0.86 -1.31 32.01
N ASN A 57 1.34 -0.08 31.92
CA ASN A 57 2.75 0.18 31.58
C ASN A 57 3.20 -0.30 30.23
N LYS A 58 2.27 -0.44 29.29
CA LYS A 58 2.63 -0.61 27.89
C LYS A 58 2.21 0.69 27.23
N GLU A 59 3.01 1.20 26.28
CA GLU A 59 2.52 2.23 25.37
C GLU A 59 1.52 1.61 24.42
N ILE A 60 0.41 2.28 24.20
CA ILE A 60 -0.53 1.85 23.17
C ILE A 60 -0.70 2.97 22.17
N ILE A 61 -0.65 2.61 20.89
CA ILE A 61 -0.71 3.58 19.81
C ILE A 61 -1.94 3.24 18.99
N VAL A 62 -2.92 4.12 18.97
CA VAL A 62 -4.17 3.88 18.31
C VAL A 62 -4.27 4.82 17.14
N ALA A 63 -4.69 4.31 15.98
CA ALA A 63 -4.99 5.15 14.82
C ALA A 63 -6.01 4.48 13.93
N TYR A 64 -6.75 5.30 13.19
CA TYR A 64 -7.51 4.78 12.07
C TYR A 64 -6.75 5.15 10.81
N SER A 65 -6.74 4.24 9.84
CA SER A 65 -5.84 4.34 8.70
C SER A 65 -6.42 5.11 7.57
N LYS A 66 -7.74 5.13 7.51
CA LYS A 66 -8.53 5.50 6.33
C LYS A 66 -8.67 4.25 5.42
N ILE A 67 -9.62 4.28 4.50
CA ILE A 67 -10.07 3.04 3.84
C ILE A 67 -9.16 2.51 2.73
N GLY A 68 -9.02 1.19 2.63
CA GLY A 68 -8.31 0.58 1.48
C GLY A 68 -6.85 0.23 1.71
N LYS A 69 -6.26 -0.48 0.77
CA LYS A 69 -4.91 -1.07 0.89
C LYS A 69 -3.78 -0.07 1.09
N VAL A 70 -3.81 1.01 0.30
CA VAL A 70 -2.72 1.99 0.30
C VAL A 70 -2.73 2.68 1.65
N HIS A 71 -3.88 3.21 2.04
CA HIS A 71 -4.01 3.82 3.36
C HIS A 71 -3.50 2.88 4.45
N SER A 72 -4.01 1.65 4.47
CA SER A 72 -3.73 0.78 5.61
C SER A 72 -2.27 0.32 5.63
N THR A 73 -1.69 0.11 4.45
CA THR A 73 -0.27 -0.21 4.33
C THR A 73 0.65 0.91 4.86
N LEU A 74 0.35 2.14 4.47
CA LEU A 74 1.12 3.29 4.93
C LEU A 74 1.05 3.34 6.46
N THR A 75 -0.18 3.42 6.99
CA THR A 75 -0.38 3.58 8.43
C THR A 75 0.33 2.50 9.24
N THR A 76 0.22 1.25 8.81
CA THR A 76 0.87 0.15 9.51
C THR A 76 2.41 0.29 9.53
N THR A 77 2.95 0.67 8.39
CA THR A 77 4.38 0.84 8.23
C THR A 77 4.89 2.00 9.11
N SER A 78 4.17 3.12 9.13
CA SER A 78 4.45 4.23 10.05
C SER A 78 4.42 3.77 11.53
N MET A 79 3.39 3.02 11.90
CA MET A 79 3.28 2.54 13.24
C MET A 79 4.54 1.78 13.62
N ILE A 80 4.92 0.86 12.75
CA ILE A 80 6.06 -0.01 12.99
C ILE A 80 7.40 0.77 12.97
N LEU A 81 7.65 1.53 11.91
CA LEU A 81 8.92 2.21 11.74
C LEU A 81 9.09 3.47 12.61
N ALA A 82 8.04 4.27 12.76
CA ALA A 82 8.11 5.50 13.56
C ALA A 82 7.79 5.29 15.03
N PHE A 83 6.91 4.35 15.38
CA PHE A 83 6.54 4.18 16.78
C PHE A 83 7.05 2.92 17.41
N GLY A 84 7.84 2.13 16.69
CA GLY A 84 8.41 0.89 17.28
C GLY A 84 7.42 -0.13 17.83
N VAL A 85 6.16 -0.14 17.35
CA VAL A 85 5.19 -1.11 17.92
C VAL A 85 5.67 -2.53 17.73
N GLN A 86 5.51 -3.36 18.76
CA GLN A 86 6.01 -4.75 18.72
C GLN A 86 4.95 -5.76 18.35
N LYS A 87 3.68 -5.35 18.42
CA LYS A 87 2.57 -6.17 17.98
C LYS A 87 1.53 -5.25 17.39
N VAL A 88 0.68 -5.77 16.50
CA VAL A 88 -0.42 -4.95 15.98
C VAL A 88 -1.73 -5.70 16.09
N LEU A 89 -2.74 -5.04 16.66
CA LEU A 89 -4.06 -5.63 16.75
C LEU A 89 -4.98 -4.76 15.93
N PHE A 90 -5.66 -5.35 14.97
CA PHE A 90 -6.57 -4.60 14.14
C PHE A 90 -8.00 -4.93 14.56
N SER A 91 -8.82 -3.90 14.73
CA SER A 91 -10.24 -4.09 15.07
C SER A 91 -11.09 -3.36 14.07
N GLY A 92 -12.27 -3.89 13.80
CA GLY A 92 -13.19 -3.29 12.85
C GLY A 92 -14.33 -4.21 12.42
N VAL A 93 -14.93 -3.90 11.28
CA VAL A 93 -16.08 -4.66 10.83
C VAL A 93 -15.83 -5.27 9.46
N ALA A 94 -16.67 -6.21 9.05
CA ALA A 94 -16.45 -6.93 7.82
C ALA A 94 -17.74 -7.56 7.32
N GLY A 95 -17.76 -7.91 6.05
CA GLY A 95 -18.92 -8.56 5.47
C GLY A 95 -18.76 -10.06 5.53
N SER A 96 -19.83 -10.74 5.92
CA SER A 96 -19.83 -12.19 6.02
C SER A 96 -20.04 -12.85 4.68
N LEU A 97 -19.29 -13.92 4.46
CA LEU A 97 -19.40 -14.77 3.25
C LEU A 97 -19.94 -16.17 3.58
N VAL A 98 -20.27 -16.43 4.85
CA VAL A 98 -20.64 -17.77 5.28
C VAL A 98 -21.81 -17.74 6.23
N LYS A 99 -22.73 -18.68 6.04
CA LYS A 99 -23.97 -18.81 6.83
C LYS A 99 -23.76 -18.70 8.35
N ASP A 100 -22.73 -19.38 8.88
CA ASP A 100 -22.53 -19.42 10.34
C ASP A 100 -22.06 -18.09 10.93
N LEU A 101 -21.58 -17.17 10.09
CA LEU A 101 -21.20 -15.82 10.54
C LEU A 101 -22.31 -14.80 10.29
N LYS A 102 -22.96 -14.36 11.35
CA LYS A 102 -24.11 -13.48 11.22
C LYS A 102 -23.78 -12.15 11.84
N ILE A 103 -24.68 -11.20 11.68
CA ILE A 103 -24.46 -9.84 12.10
C ILE A 103 -24.04 -9.78 13.57
N ASN A 104 -22.99 -9.03 13.82
CA ASN A 104 -22.38 -8.86 15.14
C ASN A 104 -21.38 -9.94 15.52
N ASP A 105 -21.36 -11.07 14.82
CA ASP A 105 -20.44 -12.15 15.20
C ASP A 105 -18.98 -11.76 14.98
N LEU A 106 -18.11 -12.25 15.86
CA LEU A 106 -16.68 -12.02 15.79
C LEU A 106 -15.92 -13.09 15.04
N LEU A 107 -14.86 -12.68 14.35
CA LEU A 107 -13.89 -13.64 13.82
C LEU A 107 -12.48 -13.09 13.88
N VAL A 108 -11.50 -13.99 14.01
CA VAL A 108 -10.11 -13.64 13.79
C VAL A 108 -9.70 -14.33 12.52
N ALA A 109 -8.89 -13.62 11.74
CA ALA A 109 -8.31 -14.15 10.53
C ALA A 109 -7.17 -15.07 10.85
N THR A 110 -7.30 -16.30 10.37
CA THR A 110 -6.19 -17.24 10.39
C THR A 110 -5.21 -16.90 9.28
N GLN A 111 -5.72 -16.74 8.07
CA GLN A 111 -4.95 -16.22 6.95
C GLN A 111 -5.74 -15.15 6.23
N LEU A 112 -5.04 -14.30 5.49
CA LEU A 112 -5.67 -13.30 4.65
C LEU A 112 -5.12 -13.35 3.23
N VAL A 113 -5.90 -12.78 2.32
CA VAL A 113 -5.57 -12.78 0.91
C VAL A 113 -6.00 -11.43 0.34
N GLN A 114 -5.27 -10.95 -0.68
CA GLN A 114 -5.70 -9.78 -1.46
C GLN A 114 -6.45 -10.28 -2.68
N HIS A 115 -7.75 -10.07 -2.70
CA HIS A 115 -8.63 -10.80 -3.60
C HIS A 115 -8.76 -10.19 -4.99
N ASP A 116 -8.31 -8.94 -5.12
CA ASP A 116 -8.39 -8.18 -6.35
C ASP A 116 -7.08 -8.12 -7.11
N VAL A 117 -6.08 -8.85 -6.62
CA VAL A 117 -4.81 -8.99 -7.33
C VAL A 117 -4.97 -9.99 -8.46
N ASP A 118 -4.57 -9.58 -9.67
CA ASP A 118 -4.75 -10.39 -10.87
C ASP A 118 -3.57 -10.28 -11.87
N LEU A 119 -2.65 -11.24 -11.77
CA LEU A 119 -1.55 -11.37 -12.74
C LEU A 119 -1.71 -12.65 -13.58
N SER A 120 -2.96 -13.03 -13.83
CA SER A 120 -3.28 -14.25 -14.59
C SER A 120 -2.79 -14.17 -16.04
N ALA A 121 -2.58 -12.96 -16.55
CA ALA A 121 -2.04 -12.78 -17.88
C ALA A 121 -0.68 -13.46 -18.03
N PHE A 122 0.01 -13.67 -16.91
CA PHE A 122 1.26 -14.40 -16.92
C PHE A 122 1.11 -15.77 -16.27
N ASP A 123 -0.12 -16.26 -16.23
CA ASP A 123 -0.45 -17.58 -15.66
C ASP A 123 -0.23 -17.74 -14.19
N HIS A 124 -0.18 -16.64 -13.47
CA HIS A 124 -0.22 -16.74 -12.02
C HIS A 124 -1.64 -16.93 -11.52
N PRO A 125 -1.80 -17.76 -10.46
CA PRO A 125 -3.10 -17.87 -9.82
C PRO A 125 -3.58 -16.53 -9.26
N LEU A 126 -4.89 -16.32 -9.24
CA LEU A 126 -5.41 -15.09 -8.69
C LEU A 126 -4.94 -14.92 -7.22
N GLY A 127 -4.64 -13.68 -6.84
CA GLY A 127 -4.18 -13.36 -5.50
C GLY A 127 -2.67 -13.41 -5.32
N PHE A 128 -1.97 -13.96 -6.31
CA PHE A 128 -0.55 -14.20 -6.20
C PHE A 128 0.22 -13.13 -6.95
N ILE A 129 1.34 -12.74 -6.32
CA ILE A 129 2.30 -11.82 -6.89
C ILE A 129 3.70 -12.46 -6.74
N PRO A 130 4.51 -12.47 -7.83
CA PRO A 130 5.85 -13.01 -7.73
C PRO A 130 6.60 -12.44 -6.54
N GLU A 131 7.37 -13.30 -5.88
CA GLU A 131 8.15 -12.96 -4.69
C GLU A 131 7.27 -12.66 -3.50
N SER A 132 6.06 -13.21 -3.51
CA SER A 132 5.13 -13.09 -2.40
C SER A 132 4.33 -14.39 -2.31
N ALA A 133 3.12 -14.33 -1.77
CA ALA A 133 2.32 -15.54 -1.60
C ALA A 133 0.86 -15.16 -1.69
N ILE A 134 0.02 -16.12 -2.04
CA ILE A 134 -1.40 -15.84 -2.04
C ILE A 134 -1.86 -15.57 -0.59
N PHE A 135 -1.42 -16.41 0.35
CA PHE A 135 -1.93 -16.36 1.72
C PHE A 135 -0.95 -15.75 2.68
N ILE A 136 -1.46 -14.89 3.56
CA ILE A 136 -0.66 -14.18 4.54
C ILE A 136 -1.03 -14.68 5.91
N GLU A 137 -0.03 -14.97 6.72
CA GLU A 137 -0.25 -15.58 8.00
C GLU A 137 -0.35 -14.51 9.09
N THR A 138 -0.96 -14.88 10.21
CA THR A 138 -1.09 -14.04 11.37
C THR A 138 -0.51 -14.78 12.57
N SER A 139 -0.58 -14.16 13.74
CA SER A 139 0.10 -14.70 14.92
C SER A 139 -0.72 -15.80 15.58
N GLY A 140 -0.22 -17.04 15.51
CA GLY A 140 -0.84 -18.18 16.16
C GLY A 140 -1.06 -17.94 17.64
N SER A 141 -0.11 -17.28 18.26
CA SER A 141 -0.23 -17.01 19.68
C SER A 141 -1.31 -15.94 19.96
N LEU A 142 -1.32 -14.83 19.24
CA LEU A 142 -2.35 -13.82 19.50
C LEU A 142 -3.73 -14.40 19.24
N ASN A 143 -3.87 -15.16 18.17
CA ASN A 143 -5.11 -15.81 17.87
C ASN A 143 -5.51 -16.83 18.94
N ALA A 144 -4.53 -17.58 19.46
CA ALA A 144 -4.83 -18.50 20.56
C ALA A 144 -5.31 -17.72 21.74
N LEU A 145 -4.69 -16.57 22.01
CA LEU A 145 -5.18 -15.69 23.07
C LEU A 145 -6.63 -15.25 22.83
N ALA A 146 -6.94 -14.76 21.63
CA ALA A 146 -8.32 -14.39 21.30
C ALA A 146 -9.31 -15.55 21.60
N LYS A 147 -8.95 -16.76 21.19
CA LYS A 147 -9.81 -17.93 21.35
C LYS A 147 -10.01 -18.29 22.83
N LYS A 148 -8.94 -18.21 23.64
CA LYS A 148 -9.07 -18.46 25.07
C LYS A 148 -10.01 -17.43 25.69
N ILE A 149 -9.74 -16.15 25.41
CA ILE A 149 -10.59 -15.07 25.92
C ILE A 149 -12.04 -15.29 25.48
N ALA A 150 -12.23 -15.71 24.23
CA ALA A 150 -13.59 -15.86 23.71
C ALA A 150 -14.31 -16.88 24.57
N ASN A 151 -13.68 -18.03 24.77
CA ASN A 151 -14.31 -19.11 25.54
C ASN A 151 -14.57 -18.72 26.98
N GLU A 152 -13.64 -17.99 27.61
CA GLU A 152 -13.88 -17.50 28.98
C GLU A 152 -15.04 -16.52 29.07
N GLN A 153 -15.14 -15.58 28.13
CA GLN A 153 -16.31 -14.69 28.07
C GLN A 153 -17.60 -15.41 27.53
N HIS A 154 -17.50 -16.69 27.18
CA HIS A 154 -18.59 -17.48 26.58
C HIS A 154 -19.21 -16.80 25.36
N ILE A 155 -18.37 -16.36 24.45
CA ILE A 155 -18.84 -15.80 23.17
C ILE A 155 -18.12 -16.51 22.07
N ALA A 156 -18.84 -16.65 20.97
CA ALA A 156 -18.42 -17.47 19.86
C ALA A 156 -17.35 -16.66 19.12
N LEU A 157 -16.46 -17.32 18.43
CA LEU A 157 -15.39 -16.67 17.72
C LEU A 157 -14.98 -17.62 16.67
N LYS A 158 -15.28 -17.31 15.41
CA LYS A 158 -14.81 -18.13 14.32
C LYS A 158 -13.41 -17.74 13.91
N GLU A 159 -12.75 -18.71 13.30
CA GLU A 159 -11.41 -18.55 12.78
C GLU A 159 -11.58 -18.80 11.30
N GLY A 160 -11.00 -17.93 10.48
CA GLY A 160 -11.15 -18.10 9.06
C GLY A 160 -10.33 -17.14 8.23
N VAL A 161 -10.43 -17.36 6.93
CA VAL A 161 -9.73 -16.59 5.94
C VAL A 161 -10.51 -15.31 5.70
N ILE A 162 -9.82 -14.17 5.70
CA ILE A 162 -10.43 -12.89 5.39
C ILE A 162 -9.87 -12.42 4.06
N ALA A 163 -10.76 -12.05 3.14
CA ALA A 163 -10.37 -11.52 1.83
C ALA A 163 -10.41 -9.99 1.86
N SER A 164 -9.37 -9.32 1.38
CA SER A 164 -9.33 -7.88 1.38
C SER A 164 -9.06 -7.34 -0.02
N GLY A 165 -9.79 -6.31 -0.41
CA GLY A 165 -9.65 -5.69 -1.73
C GLY A 165 -10.16 -4.26 -1.69
N ASP A 166 -9.84 -3.51 -2.74
CA ASP A 166 -10.15 -2.11 -2.75
C ASP A 166 -11.53 -1.88 -3.37
N GLN A 167 -12.45 -2.84 -3.21
CA GLN A 167 -13.87 -2.63 -3.53
C GLN A 167 -14.72 -3.07 -2.38
N PHE A 168 -15.81 -2.33 -2.16
CA PHE A 168 -16.86 -2.78 -1.27
C PHE A 168 -17.63 -3.86 -1.99
N VAL A 169 -17.81 -5.02 -1.37
CA VAL A 169 -18.43 -6.15 -2.03
C VAL A 169 -19.92 -6.17 -1.71
N HIS A 170 -20.77 -6.20 -2.73
CA HIS A 170 -22.22 -6.15 -2.51
C HIS A 170 -22.95 -6.83 -3.63
N SER A 171 -22.50 -8.04 -3.95
CA SER A 171 -23.12 -8.81 -5.01
C SER A 171 -22.88 -10.29 -4.75
N LYS A 172 -23.83 -11.07 -5.20
CA LYS A 172 -23.81 -12.51 -5.05
C LYS A 172 -22.62 -13.11 -5.79
N GLU A 173 -22.34 -12.55 -6.96
CA GLU A 173 -21.32 -13.06 -7.88
C GLU A 173 -19.96 -12.99 -7.23
N ARG A 174 -19.63 -11.81 -6.73
CA ARG A 174 -18.31 -11.60 -6.14
C ARG A 174 -18.18 -12.41 -4.87
N LYS A 175 -19.22 -12.41 -4.04
CA LYS A 175 -19.31 -13.35 -2.91
C LYS A 175 -18.90 -14.77 -3.29
N GLU A 176 -19.55 -15.32 -4.30
CA GLU A 176 -19.24 -16.68 -4.73
C GLU A 176 -17.83 -16.85 -5.26
N PHE A 177 -17.29 -15.82 -5.90
CA PHE A 177 -15.90 -15.87 -6.33
C PHE A 177 -14.97 -15.96 -5.13
N LEU A 178 -15.25 -15.18 -4.11
CA LEU A 178 -14.42 -15.15 -2.90
C LEU A 178 -14.39 -16.46 -2.17
N VAL A 179 -15.57 -17.08 -2.04
CA VAL A 179 -15.70 -18.43 -1.44
C VAL A 179 -14.97 -19.52 -2.28
N SER A 180 -15.20 -19.56 -3.59
CA SER A 180 -14.60 -20.59 -4.44
C SER A 180 -13.09 -20.41 -4.61
N GLU A 181 -12.65 -19.17 -4.84
CA GLU A 181 -11.24 -18.96 -5.15
C GLU A 181 -10.33 -19.05 -3.91
N PHE A 182 -10.81 -18.55 -2.77
CA PHE A 182 -9.96 -18.44 -1.58
C PHE A 182 -10.49 -19.17 -0.32
N LYS A 183 -11.71 -19.68 -0.40
CA LYS A 183 -12.40 -20.23 0.77
C LYS A 183 -12.45 -19.22 1.92
N ALA A 184 -12.71 -17.97 1.56
CA ALA A 184 -12.82 -16.87 2.53
C ALA A 184 -14.09 -16.98 3.36
N SER A 185 -14.02 -16.56 4.62
CA SER A 185 -15.22 -16.45 5.47
C SER A 185 -15.78 -15.04 5.56
N ALA A 186 -15.00 -14.03 5.20
CA ALA A 186 -15.41 -12.62 5.34
C ALA A 186 -14.59 -11.73 4.46
N VAL A 187 -15.10 -10.51 4.25
CA VAL A 187 -14.53 -9.57 3.31
C VAL A 187 -14.46 -8.16 3.90
N GLU A 188 -13.36 -7.50 3.64
CA GLU A 188 -13.18 -6.11 4.01
C GLU A 188 -12.09 -5.51 3.10
N MET A 189 -11.47 -4.42 3.49
CA MET A 189 -10.59 -3.71 2.56
C MET A 189 -9.20 -3.40 3.10
N GLU A 190 -8.89 -3.83 4.32
CA GLU A 190 -7.58 -3.49 4.92
C GLU A 190 -6.81 -4.62 5.55
N GLY A 191 -7.47 -5.72 5.91
CA GLY A 191 -6.85 -6.67 6.81
C GLY A 191 -5.60 -7.28 6.23
N ALA A 192 -5.70 -7.68 4.95
CA ALA A 192 -4.60 -8.32 4.26
C ALA A 192 -3.35 -7.44 4.23
N SER A 193 -3.53 -6.19 3.89
CA SER A 193 -2.39 -5.27 3.77
C SER A 193 -1.71 -5.04 5.12
N VAL A 194 -2.51 -4.93 6.18
CA VAL A 194 -1.97 -4.76 7.53
C VAL A 194 -1.17 -5.99 7.96
N ALA A 195 -1.75 -7.18 7.82
CA ALA A 195 -1.09 -8.42 8.18
C ALA A 195 0.18 -8.61 7.37
N PHE A 196 0.12 -8.20 6.09
CA PHE A 196 1.28 -8.29 5.17
C PHE A 196 2.48 -7.48 5.65
N VAL A 197 2.22 -6.23 5.98
CA VAL A 197 3.28 -5.35 6.43
C VAL A 197 3.87 -5.90 7.72
N CYS A 198 3.01 -6.30 8.64
CA CYS A 198 3.46 -6.88 9.90
C CYS A 198 4.34 -8.11 9.66
N GLN A 199 3.90 -8.97 8.75
CA GLN A 199 4.68 -10.12 8.34
C GLN A 199 6.06 -9.69 7.83
N LYS A 200 6.10 -8.77 6.88
CA LYS A 200 7.37 -8.32 6.31
C LYS A 200 8.31 -7.77 7.37
N PHE A 201 7.79 -7.23 8.46
CA PHE A 201 8.62 -6.64 9.50
C PHE A 201 8.77 -7.56 10.70
N GLY A 202 8.23 -8.77 10.64
CA GLY A 202 8.38 -9.72 11.74
C GLY A 202 7.59 -9.31 12.95
N VAL A 203 6.45 -8.65 12.72
CA VAL A 203 5.64 -8.14 13.84
C VAL A 203 4.34 -8.92 13.99
N PRO A 204 4.15 -9.60 15.13
CA PRO A 204 2.93 -10.37 15.37
C PRO A 204 1.68 -9.52 15.15
N CYS A 205 0.75 -10.05 14.37
CA CYS A 205 -0.46 -9.36 13.98
C CYS A 205 -1.71 -10.19 14.29
N CYS A 206 -2.76 -9.54 14.79
CA CYS A 206 -4.07 -10.18 14.97
C CYS A 206 -5.10 -9.30 14.29
N VAL A 207 -5.89 -9.90 13.42
CA VAL A 207 -6.92 -9.17 12.69
C VAL A 207 -8.31 -9.64 13.16
N LEU A 208 -9.05 -8.75 13.78
CA LEU A 208 -10.27 -9.07 14.43
C LEU A 208 -11.39 -8.30 13.73
N ARG A 209 -12.50 -8.97 13.41
CA ARG A 209 -13.61 -8.27 12.76
C ARG A 209 -14.93 -8.70 13.35
N SER A 210 -15.88 -7.76 13.43
CA SER A 210 -17.28 -8.04 13.76
C SER A 210 -18.14 -7.81 12.53
N ILE A 211 -19.05 -8.74 12.27
CA ILE A 211 -19.79 -8.75 11.01
C ILE A 211 -20.77 -7.60 10.97
N SER A 212 -20.78 -6.87 9.84
CA SER A 212 -21.71 -5.75 9.65
C SER A 212 -22.74 -5.96 8.53
N ASP A 213 -22.57 -6.96 7.69
CA ASP A 213 -23.43 -7.13 6.51
C ASP A 213 -23.11 -8.46 5.90
N ASN A 214 -23.87 -8.85 4.90
CA ASN A 214 -23.70 -10.15 4.24
C ASN A 214 -23.07 -10.04 2.85
N ALA A 215 -22.51 -8.86 2.55
CA ALA A 215 -21.68 -8.67 1.35
C ALA A 215 -22.47 -8.92 0.06
N ASP A 216 -23.77 -8.67 0.11
CA ASP A 216 -24.70 -8.94 -0.97
C ASP A 216 -25.34 -7.62 -1.37
N GLU A 217 -26.37 -7.68 -2.21
CA GLU A 217 -26.93 -6.47 -2.76
C GLU A 217 -27.49 -5.58 -1.66
N LYS A 218 -27.79 -6.15 -0.49
CA LYS A 218 -28.25 -5.37 0.68
C LYS A 218 -27.12 -4.77 1.54
N ALA A 219 -25.86 -5.02 1.17
CA ALA A 219 -24.72 -4.83 2.07
C ALA A 219 -24.52 -3.39 2.49
N GLY A 220 -24.73 -2.47 1.56
CA GLY A 220 -24.61 -1.04 1.81
C GLY A 220 -25.46 -0.59 2.97
N MET A 221 -26.72 -1.03 2.98
CA MET A 221 -27.69 -0.57 3.97
C MET A 221 -27.42 -1.25 5.30
N SER A 222 -27.12 -2.54 5.25
CA SER A 222 -26.79 -3.29 6.45
C SER A 222 -25.56 -2.69 7.12
N PHE A 223 -24.51 -2.42 6.34
CA PHE A 223 -23.31 -1.81 6.86
C PHE A 223 -23.59 -0.49 7.59
N ASP A 224 -24.41 0.35 6.94
CA ASP A 224 -24.79 1.66 7.45
C ASP A 224 -25.54 1.57 8.78
N GLU A 225 -26.41 0.57 8.90
CA GLU A 225 -27.20 0.40 10.12
C GLU A 225 -26.35 -0.19 11.25
N PHE A 226 -25.51 -1.17 10.94
CA PHE A 226 -24.83 -1.94 11.98
C PHE A 226 -23.36 -1.56 12.26
N LEU A 227 -22.82 -0.57 11.53
CA LEU A 227 -21.44 -0.13 11.75
C LEU A 227 -21.11 0.14 13.23
N GLU A 228 -21.94 0.93 13.90
CA GLU A 228 -21.61 1.34 15.27
C GLU A 228 -21.48 0.16 16.21
N LYS A 229 -22.54 -0.64 16.26
CA LYS A 229 -22.59 -1.75 17.17
C LYS A 229 -21.52 -2.78 16.84
N SER A 230 -21.37 -3.12 15.55
CA SER A 230 -20.34 -4.10 15.15
C SER A 230 -18.94 -3.59 15.53
N ALA A 231 -18.69 -2.30 15.30
CA ALA A 231 -17.41 -1.69 15.67
C ALA A 231 -17.21 -1.76 17.19
N HIS A 232 -18.29 -1.55 17.92
CA HIS A 232 -18.23 -1.59 19.39
C HIS A 232 -17.92 -3.00 19.89
N THR A 233 -18.58 -3.97 19.29
CA THR A 233 -18.36 -5.35 19.66
C THR A 233 -16.90 -5.75 19.45
N SER A 234 -16.36 -5.35 18.30
CA SER A 234 -14.98 -5.65 17.99
C SER A 234 -14.05 -4.96 18.97
N ALA A 235 -14.32 -3.67 19.23
CA ALA A 235 -13.49 -2.86 20.13
C ALA A 235 -13.47 -3.39 21.54
N LYS A 236 -14.60 -3.88 22.04
CA LYS A 236 -14.64 -4.49 23.38
C LYS A 236 -13.74 -5.68 23.44
N PHE A 237 -13.84 -6.52 22.41
CA PHE A 237 -13.07 -7.72 22.38
C PHE A 237 -11.56 -7.45 22.27
N LEU A 238 -11.18 -6.49 21.43
CA LEU A 238 -9.79 -6.08 21.34
C LEU A 238 -9.27 -5.60 22.72
N LYS A 239 -10.06 -4.76 23.40
CA LYS A 239 -9.72 -4.29 24.76
C LYS A 239 -9.41 -5.48 25.68
N SER A 240 -10.24 -6.50 25.61
CA SER A 240 -10.10 -7.61 26.54
C SER A 240 -8.87 -8.44 26.19
N MET A 241 -8.45 -8.37 24.93
CA MET A 241 -7.18 -8.96 24.51
C MET A 241 -6.03 -8.15 25.06
N VAL A 242 -6.11 -6.84 24.95
CA VAL A 242 -5.01 -6.01 25.45
C VAL A 242 -4.87 -6.20 26.96
N ASP A 243 -6.01 -6.25 27.66
CA ASP A 243 -6.06 -6.50 29.09
C ASP A 243 -5.16 -7.66 29.50
N GLU A 244 -5.11 -8.71 28.67
CA GLU A 244 -4.34 -9.93 28.97
C GLU A 244 -2.91 -9.94 28.43
N LEU A 245 -2.47 -8.90 27.73
CA LEU A 245 -1.13 -8.92 27.17
C LEU A 245 -0.12 -8.58 28.26
N HIS B 4 28.25 25.90 -12.42
CA HIS B 4 28.99 27.19 -12.32
C HIS B 4 30.43 26.89 -11.93
N HIS B 5 31.34 27.79 -12.27
CA HIS B 5 32.73 27.70 -11.81
C HIS B 5 32.78 27.90 -10.29
N HIS B 6 33.44 26.99 -9.58
CA HIS B 6 33.74 27.18 -8.15
C HIS B 6 35.24 27.28 -8.04
N HIS B 7 35.76 28.46 -7.77
CA HIS B 7 37.21 28.62 -7.63
C HIS B 7 37.69 27.99 -6.32
N HIS B 8 37.07 28.36 -5.20
CA HIS B 8 37.30 27.68 -3.90
C HIS B 8 36.09 26.80 -3.63
N GLU B 9 36.26 25.49 -3.67
CA GLU B 9 35.15 24.56 -3.42
C GLU B 9 34.66 24.62 -1.94
N ASN B 10 35.58 24.87 -1.00
CA ASN B 10 35.19 25.05 0.41
C ASN B 10 34.18 26.20 0.71
N LEU B 11 34.03 27.16 -0.21
CA LEU B 11 33.02 28.23 -0.02
C LEU B 11 31.58 27.84 -0.36
N TYR B 12 31.43 26.75 -1.13
CA TYR B 12 30.12 26.34 -1.63
C TYR B 12 29.59 25.15 -0.85
N PHE B 13 28.26 25.03 -0.80
CA PHE B 13 27.60 23.92 -0.09
C PHE B 13 27.96 22.53 -0.67
N GLN B 14 28.32 21.60 0.22
CA GLN B 14 28.66 20.22 -0.14
C GLN B 14 27.82 19.20 0.66
N GLY B 15 26.70 19.61 1.23
CA GLY B 15 25.86 18.70 2.03
C GLY B 15 25.25 17.60 1.15
N VAL B 16 25.06 16.41 1.72
CA VAL B 16 24.59 15.22 0.98
C VAL B 16 23.06 15.18 0.87
N GLN B 17 22.54 15.50 -0.31
CA GLN B 17 21.11 15.39 -0.60
C GLN B 17 20.68 13.90 -0.78
N LYS B 18 19.61 13.48 -0.11
CA LYS B 18 19.13 12.11 -0.17
C LYS B 18 17.97 11.89 -1.17
N ILE B 19 18.20 11.03 -2.14
CA ILE B 19 17.21 10.78 -3.18
C ILE B 19 16.81 9.32 -3.23
N GLY B 20 15.51 9.10 -3.22
CA GLY B 20 14.94 7.78 -3.35
C GLY B 20 14.62 7.52 -4.80
N ILE B 21 15.07 6.35 -5.28
CA ILE B 21 14.85 5.92 -6.66
C ILE B 21 14.19 4.55 -6.64
N LEU B 22 12.97 4.50 -7.14
CA LEU B 22 12.14 3.30 -7.09
C LEU B 22 11.81 2.74 -8.44
N GLY B 23 11.92 1.42 -8.53
CA GLY B 23 11.30 0.61 -9.57
C GLY B 23 10.40 -0.47 -8.93
N ALA B 24 9.58 -1.14 -9.75
CA ALA B 24 8.70 -2.21 -9.26
C ALA B 24 9.40 -3.55 -9.21
N MET B 25 10.11 -3.84 -10.31
CA MET B 25 10.77 -5.11 -10.52
C MET B 25 12.27 -4.90 -10.55
N ARG B 26 13.01 -5.96 -10.22
CA ARG B 26 14.46 -5.93 -10.33
C ARG B 26 14.95 -5.37 -11.68
N GLU B 27 14.26 -5.75 -12.75
CA GLU B 27 14.62 -5.41 -14.11
C GLU B 27 14.44 -3.94 -14.39
N GLU B 28 13.62 -3.27 -13.61
CA GLU B 28 13.52 -1.81 -13.77
C GLU B 28 14.67 -1.04 -13.09
N ILE B 29 15.37 -1.68 -12.15
CA ILE B 29 16.44 -1.02 -11.41
C ILE B 29 17.85 -1.48 -11.79
N THR B 30 18.01 -2.69 -12.32
CA THR B 30 19.30 -3.15 -12.87
C THR B 30 19.94 -2.11 -13.78
N PRO B 31 19.22 -1.63 -14.80
CA PRO B 31 19.78 -0.51 -15.57
C PRO B 31 20.13 0.73 -14.77
N ILE B 32 19.41 1.01 -13.69
CA ILE B 32 19.69 2.17 -12.84
C ILE B 32 20.99 1.96 -12.06
N LEU B 33 21.13 0.80 -11.41
CA LEU B 33 22.36 0.47 -10.72
C LEU B 33 23.59 0.64 -11.63
N GLU B 34 23.51 0.14 -12.86
CA GLU B 34 24.64 0.18 -13.79
C GLU B 34 24.95 1.59 -14.25
N LEU B 35 23.94 2.33 -14.67
CA LEU B 35 24.13 3.68 -15.18
C LEU B 35 24.80 4.62 -14.18
N PHE B 36 24.50 4.43 -12.89
CA PHE B 36 25.09 5.26 -11.85
C PHE B 36 26.51 4.83 -11.60
N GLY B 37 26.74 3.52 -11.68
CA GLY B 37 28.08 2.99 -11.81
C GLY B 37 28.95 3.18 -10.59
N VAL B 38 28.35 3.28 -9.42
CA VAL B 38 29.10 3.47 -8.16
C VAL B 38 28.89 2.25 -7.30
N ASP B 39 29.57 2.18 -6.17
CA ASP B 39 29.42 1.05 -5.25
C ASP B 39 28.18 1.20 -4.41
N PHE B 40 27.55 0.07 -4.10
CA PHE B 40 26.29 0.06 -3.38
C PHE B 40 26.34 -0.85 -2.21
N GLU B 41 26.13 -0.28 -1.02
CA GLU B 41 25.81 -1.05 0.18
C GLU B 41 24.35 -1.52 0.13
N GLU B 42 24.13 -2.79 0.40
CA GLU B 42 22.82 -3.39 0.34
C GLU B 42 22.24 -3.55 1.73
N ILE B 43 21.11 -2.88 1.95
CA ILE B 43 20.46 -2.89 3.26
C ILE B 43 19.06 -3.51 3.15
N PRO B 44 18.83 -4.64 3.83
CA PRO B 44 17.53 -5.30 3.88
C PRO B 44 16.60 -4.66 4.92
N LEU B 45 15.34 -4.43 4.56
CA LEU B 45 14.36 -3.89 5.50
C LEU B 45 12.98 -4.11 4.95
N GLY B 46 12.12 -4.68 5.77
CA GLY B 46 10.72 -4.90 5.42
C GLY B 46 10.57 -5.76 4.18
N GLY B 47 11.52 -6.69 3.98
CA GLY B 47 11.56 -7.56 2.81
C GLY B 47 11.98 -6.87 1.52
N ASN B 48 12.53 -5.67 1.62
CA ASN B 48 13.10 -5.02 0.45
C ASN B 48 14.63 -5.03 0.57
N VAL B 49 15.33 -4.92 -0.57
CA VAL B 49 16.77 -4.58 -0.56
C VAL B 49 17.00 -3.15 -1.04
N PHE B 50 17.55 -2.36 -0.13
CA PHE B 50 17.85 -0.98 -0.42
C PHE B 50 19.31 -0.88 -0.83
N HIS B 51 19.55 -0.25 -1.97
CA HIS B 51 20.89 -0.04 -2.47
C HIS B 51 21.34 1.39 -2.19
N LYS B 52 22.25 1.54 -1.23
CA LYS B 52 22.71 2.86 -0.78
C LYS B 52 24.11 3.19 -1.31
N GLY B 53 24.17 4.23 -2.14
CA GLY B 53 25.44 4.67 -2.71
C GLY B 53 25.57 6.18 -2.71
N VAL B 54 26.80 6.63 -2.98
CA VAL B 54 27.15 8.05 -3.13
C VAL B 54 27.42 8.37 -4.60
N TYR B 55 26.79 9.42 -5.11
CA TYR B 55 26.98 9.84 -6.49
C TYR B 55 26.99 11.37 -6.50
N HIS B 56 28.19 11.94 -6.63
CA HIS B 56 28.43 13.39 -6.66
C HIS B 56 27.93 13.97 -5.33
N ASN B 57 27.08 15.00 -5.36
CA ASN B 57 26.57 15.64 -4.12
C ASN B 57 25.44 14.88 -3.42
N LYS B 58 25.18 13.63 -3.84
CA LYS B 58 23.88 12.97 -3.60
C LYS B 58 24.01 11.55 -3.05
N GLU B 59 23.23 11.28 -1.99
CA GLU B 59 23.02 9.92 -1.48
C GLU B 59 21.78 9.35 -2.16
N ILE B 60 22.02 8.39 -3.03
CA ILE B 60 20.93 7.71 -3.71
C ILE B 60 20.55 6.38 -3.04
N ILE B 61 19.24 6.19 -2.82
CA ILE B 61 18.68 4.97 -2.22
C ILE B 61 17.79 4.32 -3.30
N VAL B 62 18.25 3.18 -3.83
CA VAL B 62 17.62 2.47 -4.97
C VAL B 62 17.03 1.13 -4.50
N ALA B 63 15.79 0.88 -4.87
CA ALA B 63 15.14 -0.40 -4.57
C ALA B 63 14.07 -0.67 -5.58
N TYR B 64 13.78 -1.96 -5.76
CA TYR B 64 12.56 -2.38 -6.45
C TYR B 64 11.59 -2.83 -5.36
N SER B 65 10.32 -2.44 -5.49
CA SER B 65 9.34 -2.63 -4.40
C SER B 65 8.79 -4.05 -4.35
N LYS B 66 8.77 -4.68 -5.53
CA LYS B 66 7.93 -5.82 -5.88
C LYS B 66 6.61 -5.25 -6.40
N ILE B 67 5.84 -6.06 -7.11
CA ILE B 67 4.70 -5.59 -7.86
C ILE B 67 3.48 -5.18 -7.00
N GLY B 68 2.80 -4.14 -7.43
CA GLY B 68 1.52 -3.78 -6.84
C GLY B 68 1.52 -2.71 -5.78
N LYS B 69 0.30 -2.31 -5.41
CA LYS B 69 0.07 -1.18 -4.53
C LYS B 69 0.61 -1.38 -3.13
N VAL B 70 0.38 -2.56 -2.55
CA VAL B 70 0.84 -2.80 -1.18
C VAL B 70 2.37 -2.75 -1.15
N HIS B 71 3.00 -3.50 -2.05
CA HIS B 71 4.44 -3.55 -2.12
C HIS B 71 4.98 -2.15 -2.26
N SER B 72 4.47 -1.40 -3.23
CA SER B 72 5.03 -0.11 -3.56
C SER B 72 4.72 0.93 -2.47
N THR B 73 3.57 0.78 -1.80
CA THR B 73 3.23 1.66 -0.68
C THR B 73 4.23 1.45 0.48
N LEU B 74 4.54 0.19 0.78
CA LEU B 74 5.38 -0.15 1.89
C LEU B 74 6.78 0.39 1.65
N THR B 75 7.35 0.04 0.49
CA THR B 75 8.68 0.45 0.15
C THR B 75 8.91 1.97 0.15
N THR B 76 7.94 2.73 -0.33
CA THR B 76 8.05 4.17 -0.43
C THR B 76 8.02 4.78 0.96
N THR B 77 7.16 4.22 1.81
CA THR B 77 7.07 4.62 3.21
C THR B 77 8.36 4.28 3.95
N SER B 78 8.93 3.12 3.72
CA SER B 78 10.26 2.80 4.23
C SER B 78 11.39 3.76 3.74
N MET B 79 11.41 4.09 2.46
CA MET B 79 12.42 5.05 1.97
C MET B 79 12.34 6.37 2.74
N ILE B 80 11.12 6.86 2.90
CA ILE B 80 10.89 8.12 3.55
C ILE B 80 11.21 8.01 5.03
N LEU B 81 10.66 7.02 5.71
CA LEU B 81 10.78 6.98 7.18
C LEU B 81 12.08 6.37 7.66
N ALA B 82 12.63 5.40 6.96
CA ALA B 82 13.89 4.79 7.43
C ALA B 82 15.15 5.37 6.78
N PHE B 83 15.05 5.90 5.57
CA PHE B 83 16.24 6.45 4.90
C PHE B 83 16.16 7.96 4.71
N GLY B 84 15.13 8.59 5.23
CA GLY B 84 15.05 10.05 5.21
C GLY B 84 15.12 10.71 3.85
N VAL B 85 14.74 10.00 2.79
CA VAL B 85 14.88 10.58 1.45
C VAL B 85 14.09 11.87 1.37
N GLN B 86 14.62 12.85 0.63
CA GLN B 86 13.97 14.15 0.49
C GLN B 86 13.25 14.29 -0.85
N LYS B 87 13.56 13.42 -1.81
CA LYS B 87 12.85 13.34 -3.08
C LYS B 87 12.72 11.88 -3.48
N VAL B 88 11.65 11.58 -4.21
CA VAL B 88 11.51 10.22 -4.80
C VAL B 88 11.25 10.27 -6.29
N LEU B 89 12.05 9.53 -7.02
CA LEU B 89 11.87 9.38 -8.45
C LEU B 89 11.58 7.92 -8.79
N PHE B 90 10.48 7.71 -9.51
CA PHE B 90 10.09 6.37 -9.95
C PHE B 90 10.36 6.21 -11.41
N SER B 91 11.00 5.08 -11.74
CA SER B 91 11.28 4.70 -13.11
C SER B 91 10.85 3.28 -13.35
N GLY B 92 10.15 3.06 -14.47
CA GLY B 92 9.95 1.72 -14.98
C GLY B 92 9.12 1.75 -16.25
N VAL B 93 8.37 0.69 -16.49
CA VAL B 93 7.57 0.59 -17.71
C VAL B 93 6.05 0.66 -17.47
N ALA B 94 5.31 0.85 -18.54
CA ALA B 94 3.87 0.97 -18.44
C ALA B 94 3.22 0.57 -19.73
N GLY B 95 1.91 0.42 -19.68
CA GLY B 95 1.13 0.14 -20.84
C GLY B 95 0.53 1.41 -21.39
N SER B 96 0.59 1.56 -22.71
CA SER B 96 0.07 2.74 -23.34
C SER B 96 -1.41 2.61 -23.58
N LEU B 97 -2.13 3.67 -23.35
CA LEU B 97 -3.55 3.73 -23.59
C LEU B 97 -3.94 4.68 -24.72
N VAL B 98 -2.97 5.41 -25.26
CA VAL B 98 -3.21 6.46 -26.26
C VAL B 98 -2.30 6.21 -27.48
N LYS B 99 -2.84 6.45 -28.67
CA LYS B 99 -2.17 6.19 -29.97
C LYS B 99 -0.82 6.88 -30.08
N ASP B 100 -0.72 8.09 -29.58
CA ASP B 100 0.53 8.84 -29.71
C ASP B 100 1.61 8.36 -28.74
N LEU B 101 1.27 7.61 -27.69
CA LEU B 101 2.29 6.98 -26.84
C LEU B 101 2.61 5.62 -27.40
N LYS B 102 3.78 5.51 -28.01
CA LYS B 102 4.18 4.30 -28.72
C LYS B 102 5.16 3.54 -27.85
N ILE B 103 5.46 2.32 -28.26
CA ILE B 103 6.48 1.50 -27.60
C ILE B 103 7.78 2.28 -27.42
N ASN B 104 8.37 2.15 -26.23
CA ASN B 104 9.60 2.88 -25.83
C ASN B 104 9.45 4.38 -25.53
N ASP B 105 8.34 5.01 -25.93
CA ASP B 105 8.12 6.42 -25.61
C ASP B 105 8.07 6.66 -24.09
N LEU B 106 8.43 7.88 -23.70
CA LEU B 106 8.49 8.29 -22.29
C LEU B 106 7.31 9.15 -21.88
N LEU B 107 6.91 9.01 -20.62
CA LEU B 107 6.02 10.00 -20.03
C LEU B 107 6.24 10.27 -18.55
N VAL B 108 5.79 11.45 -18.13
CA VAL B 108 5.76 11.87 -16.74
C VAL B 108 4.31 11.99 -16.35
N ALA B 109 3.97 11.46 -15.17
CA ALA B 109 2.64 11.59 -14.64
C ALA B 109 2.40 12.95 -13.98
N THR B 110 1.47 13.70 -14.55
CA THR B 110 1.04 14.93 -13.94
C THR B 110 0.11 14.60 -12.77
N GLN B 111 -0.70 13.57 -12.96
CA GLN B 111 -1.60 13.08 -11.91
C GLN B 111 -1.69 11.57 -12.01
N LEU B 112 -2.11 10.96 -10.91
CA LEU B 112 -2.29 9.52 -10.85
C LEU B 112 -3.58 9.14 -10.13
N VAL B 113 -4.10 7.97 -10.46
CA VAL B 113 -5.35 7.50 -9.90
C VAL B 113 -5.24 6.00 -9.64
N GLN B 114 -5.91 5.51 -8.58
CA GLN B 114 -6.00 4.04 -8.37
C GLN B 114 -7.26 3.58 -9.09
N HIS B 115 -7.10 2.98 -10.25
CA HIS B 115 -8.25 2.75 -11.12
C HIS B 115 -9.21 1.67 -10.66
N ASP B 116 -8.78 0.84 -9.71
CA ASP B 116 -9.57 -0.31 -9.26
C ASP B 116 -10.33 -0.08 -7.96
N VAL B 117 -10.30 1.15 -7.45
CA VAL B 117 -10.97 1.50 -6.20
C VAL B 117 -12.43 1.70 -6.53
N ASP B 118 -13.31 1.02 -5.80
CA ASP B 118 -14.74 1.07 -6.06
C ASP B 118 -15.56 1.08 -4.76
N LEU B 119 -15.92 2.30 -4.38
CA LEU B 119 -16.82 2.58 -3.27
C LEU B 119 -18.18 3.12 -3.82
N SER B 120 -18.52 2.78 -5.06
CA SER B 120 -19.73 3.33 -5.70
C SER B 120 -20.99 2.92 -4.95
N ALA B 121 -20.91 1.83 -4.20
CA ALA B 121 -22.04 1.41 -3.39
C ALA B 121 -22.49 2.50 -2.43
N PHE B 122 -21.60 3.42 -2.07
CA PHE B 122 -22.01 4.57 -1.27
C PHE B 122 -21.94 5.86 -2.09
N ASP B 123 -22.24 5.76 -3.39
CA ASP B 123 -22.26 6.91 -4.31
C ASP B 123 -20.91 7.55 -4.61
N HIS B 124 -19.81 6.95 -4.18
CA HIS B 124 -18.52 7.56 -4.44
C HIS B 124 -18.13 7.29 -5.88
N PRO B 125 -17.60 8.32 -6.57
CA PRO B 125 -17.03 8.06 -7.90
C PRO B 125 -15.92 7.01 -7.85
N LEU B 126 -15.75 6.28 -8.94
CA LEU B 126 -14.71 5.29 -9.04
C LEU B 126 -13.34 5.96 -8.88
N GLY B 127 -12.50 5.40 -8.01
CA GLY B 127 -11.18 5.94 -7.75
C GLY B 127 -11.14 6.76 -6.49
N PHE B 128 -12.31 7.21 -6.02
CA PHE B 128 -12.37 8.07 -4.85
C PHE B 128 -12.52 7.29 -3.51
N ILE B 129 -11.83 7.79 -2.49
CA ILE B 129 -11.95 7.28 -1.13
C ILE B 129 -12.13 8.47 -0.17
N PRO B 130 -13.09 8.36 0.76
CA PRO B 130 -13.27 9.44 1.73
C PRO B 130 -11.97 9.81 2.44
N GLU B 131 -11.83 11.11 2.71
CA GLU B 131 -10.63 11.70 3.30
C GLU B 131 -9.42 11.66 2.38
N SER B 132 -9.67 11.44 1.09
CA SER B 132 -8.64 11.49 0.05
C SER B 132 -9.21 12.14 -1.22
N ALA B 133 -8.57 11.91 -2.36
CA ALA B 133 -9.04 12.41 -3.65
C ALA B 133 -8.82 11.38 -4.76
N ILE B 134 -9.53 11.55 -5.88
CA ILE B 134 -9.35 10.69 -7.05
C ILE B 134 -7.95 10.84 -7.61
N PHE B 135 -7.53 12.08 -7.85
CA PHE B 135 -6.26 12.35 -8.51
C PHE B 135 -5.20 12.78 -7.50
N ILE B 136 -4.02 12.16 -7.61
CA ILE B 136 -2.89 12.48 -6.80
C ILE B 136 -1.96 13.33 -7.67
N GLU B 137 -1.41 14.37 -7.07
CA GLU B 137 -0.47 15.27 -7.72
C GLU B 137 0.96 14.79 -7.51
N THR B 138 1.84 15.25 -8.38
CA THR B 138 3.27 15.00 -8.32
C THR B 138 3.95 16.37 -8.27
N SER B 139 5.27 16.40 -8.22
CA SER B 139 6.04 17.64 -8.10
C SER B 139 6.07 18.45 -9.43
N GLY B 140 5.62 19.70 -9.37
CA GLY B 140 5.69 20.61 -10.52
C GLY B 140 7.13 20.92 -10.85
N SER B 141 7.91 21.19 -9.82
CA SER B 141 9.36 21.37 -9.94
C SER B 141 9.99 20.24 -10.77
N LEU B 142 9.79 18.99 -10.38
CA LEU B 142 10.50 17.88 -11.04
C LEU B 142 9.93 17.59 -12.41
N ASN B 143 8.62 17.77 -12.55
CA ASN B 143 7.99 17.57 -13.84
C ASN B 143 8.47 18.60 -14.86
N ALA B 144 8.61 19.87 -14.43
CA ALA B 144 9.13 20.91 -15.32
C ALA B 144 10.60 20.62 -15.63
N LEU B 145 11.37 20.19 -14.63
CA LEU B 145 12.74 19.74 -14.89
C LEU B 145 12.77 18.69 -15.96
N ALA B 146 11.83 17.73 -15.85
CA ALA B 146 11.73 16.69 -16.84
C ALA B 146 11.47 17.23 -18.23
N LYS B 147 10.50 18.13 -18.39
CA LYS B 147 10.19 18.65 -19.72
C LYS B 147 11.42 19.39 -20.28
N LYS B 148 12.11 20.17 -19.42
CA LYS B 148 13.34 20.90 -19.81
C LYS B 148 14.49 20.02 -20.32
N ILE B 149 14.73 18.87 -19.69
CA ILE B 149 15.79 17.96 -20.17
C ILE B 149 15.36 17.29 -21.47
N ALA B 150 14.10 16.87 -21.53
CA ALA B 150 13.53 16.28 -22.76
C ALA B 150 13.75 17.23 -23.93
N ASN B 151 13.36 18.48 -23.74
CA ASN B 151 13.49 19.47 -24.80
C ASN B 151 14.97 19.68 -25.19
N GLU B 152 15.85 19.78 -24.20
CA GLU B 152 17.28 19.95 -24.46
C GLU B 152 17.95 18.74 -25.12
N GLN B 153 17.53 17.54 -24.79
CA GLN B 153 18.09 16.34 -25.42
C GLN B 153 17.37 15.96 -26.71
N HIS B 154 16.34 16.73 -27.09
CA HIS B 154 15.54 16.52 -28.31
C HIS B 154 14.79 15.19 -28.34
N ILE B 155 14.30 14.74 -27.18
CA ILE B 155 13.49 13.51 -27.12
C ILE B 155 12.10 13.82 -26.63
N ALA B 156 11.12 13.10 -27.17
CA ALA B 156 9.73 13.34 -26.86
C ALA B 156 9.45 12.93 -25.42
N LEU B 157 8.61 13.71 -24.74
CA LEU B 157 8.15 13.36 -23.39
C LEU B 157 6.69 13.74 -23.24
N LYS B 158 5.81 12.75 -23.11
CA LYS B 158 4.42 13.06 -22.84
C LYS B 158 4.29 13.30 -21.35
N GLU B 159 3.31 14.12 -21.01
CA GLU B 159 2.89 14.23 -19.66
C GLU B 159 1.42 13.94 -19.70
N GLY B 160 0.98 13.15 -18.73
CA GLY B 160 -0.43 12.82 -18.63
C GLY B 160 -0.74 12.08 -17.35
N VAL B 161 -1.99 11.66 -17.25
CA VAL B 161 -2.54 10.90 -16.12
C VAL B 161 -2.11 9.44 -16.22
N ILE B 162 -1.57 8.91 -15.13
CA ILE B 162 -1.28 7.49 -15.07
C ILE B 162 -2.29 6.77 -14.14
N ALA B 163 -2.89 5.69 -14.65
CA ALA B 163 -3.79 4.85 -13.88
C ALA B 163 -3.04 3.67 -13.31
N SER B 164 -3.21 3.43 -12.01
CA SER B 164 -2.59 2.28 -11.35
C SER B 164 -3.62 1.38 -10.65
N GLY B 165 -3.41 0.07 -10.72
CA GLY B 165 -4.26 -0.91 -10.05
C GLY B 165 -3.54 -2.23 -9.88
N ASP B 166 -4.18 -3.16 -9.16
CA ASP B 166 -3.53 -4.42 -8.87
C ASP B 166 -3.88 -5.52 -9.85
N GLN B 167 -4.12 -5.14 -11.10
CA GLN B 167 -4.30 -6.09 -12.20
C GLN B 167 -3.39 -5.66 -13.36
N PHE B 168 -2.88 -6.64 -14.09
CA PHE B 168 -2.23 -6.35 -15.36
C PHE B 168 -3.32 -6.14 -16.39
N VAL B 169 -3.30 -5.00 -17.08
CA VAL B 169 -4.35 -4.71 -18.05
C VAL B 169 -3.94 -5.25 -19.42
N HIS B 170 -4.84 -6.03 -20.03
CA HIS B 170 -4.59 -6.69 -21.31
C HIS B 170 -5.91 -7.00 -22.04
N SER B 171 -6.76 -6.00 -22.20
CA SER B 171 -8.00 -6.18 -22.94
C SER B 171 -8.54 -4.84 -23.38
N LYS B 172 -9.12 -4.80 -24.57
CA LYS B 172 -9.76 -3.58 -25.08
C LYS B 172 -10.79 -2.97 -24.09
N GLU B 173 -11.61 -3.77 -23.44
CA GLU B 173 -12.61 -3.21 -22.53
C GLU B 173 -12.03 -2.46 -21.31
N ARG B 174 -11.00 -3.01 -20.66
CA ARG B 174 -10.46 -2.30 -19.50
C ARG B 174 -9.76 -1.02 -19.97
N LYS B 175 -9.07 -1.09 -21.11
CA LYS B 175 -8.45 0.10 -21.68
C LYS B 175 -9.44 1.22 -21.88
N GLU B 176 -10.57 0.90 -22.53
CA GLU B 176 -11.55 1.91 -22.83
C GLU B 176 -12.15 2.48 -21.57
N PHE B 177 -12.31 1.63 -20.56
CA PHE B 177 -12.72 2.13 -19.25
C PHE B 177 -11.73 3.16 -18.67
N LEU B 178 -10.45 2.87 -18.73
CA LEU B 178 -9.46 3.78 -18.14
C LEU B 178 -9.43 5.12 -18.85
N VAL B 179 -9.55 5.08 -20.17
CA VAL B 179 -9.61 6.32 -20.96
C VAL B 179 -10.86 7.15 -20.61
N SER B 180 -12.05 6.56 -20.72
CA SER B 180 -13.29 7.31 -20.45
C SER B 180 -13.40 7.73 -18.99
N GLU B 181 -13.19 6.79 -18.07
CA GLU B 181 -13.35 7.14 -16.65
C GLU B 181 -12.29 8.15 -16.16
N PHE B 182 -11.04 7.98 -16.60
CA PHE B 182 -9.93 8.72 -15.99
C PHE B 182 -9.08 9.62 -16.91
N LYS B 183 -9.30 9.52 -18.22
CA LYS B 183 -8.48 10.22 -19.21
C LYS B 183 -7.00 9.92 -19.04
N ALA B 184 -6.72 8.67 -18.73
CA ALA B 184 -5.37 8.20 -18.50
C ALA B 184 -4.66 7.95 -19.81
N SER B 185 -3.34 8.17 -19.81
CA SER B 185 -2.48 7.89 -20.98
C SER B 185 -1.70 6.60 -20.84
N ALA B 186 -1.61 6.08 -19.62
CA ALA B 186 -0.91 4.84 -19.41
C ALA B 186 -1.38 4.14 -18.15
N VAL B 187 -0.94 2.90 -17.99
CA VAL B 187 -1.42 2.05 -16.91
C VAL B 187 -0.27 1.24 -16.33
N GLU B 188 -0.24 1.09 -15.01
CA GLU B 188 0.76 0.27 -14.35
C GLU B 188 0.24 -0.11 -12.94
N MET B 189 1.09 -0.62 -12.05
CA MET B 189 0.59 -1.16 -10.80
C MET B 189 1.17 -0.52 -9.53
N GLU B 190 2.03 0.50 -9.67
CA GLU B 190 2.67 1.15 -8.47
C GLU B 190 2.60 2.68 -8.38
N GLY B 191 2.39 3.33 -9.53
CA GLY B 191 2.54 4.76 -9.67
C GLY B 191 1.75 5.55 -8.66
N ALA B 192 0.45 5.27 -8.60
CA ALA B 192 -0.45 6.02 -7.75
C ALA B 192 -0.10 5.85 -6.30
N SER B 193 0.30 4.66 -5.92
CA SER B 193 0.60 4.39 -4.53
C SER B 193 1.84 5.17 -4.09
N VAL B 194 2.87 5.18 -4.92
CA VAL B 194 4.14 5.88 -4.63
C VAL B 194 3.88 7.38 -4.52
N ALA B 195 3.18 7.94 -5.50
CA ALA B 195 2.86 9.36 -5.50
C ALA B 195 2.02 9.72 -4.29
N PHE B 196 1.08 8.83 -3.95
CA PHE B 196 0.21 9.01 -2.80
C PHE B 196 0.98 9.13 -1.51
N VAL B 197 1.89 8.19 -1.27
CA VAL B 197 2.72 8.24 -0.06
C VAL B 197 3.53 9.55 0.02
N CYS B 198 4.18 9.89 -1.06
CA CYS B 198 4.99 11.09 -1.11
C CYS B 198 4.14 12.30 -0.75
N GLN B 199 2.97 12.43 -1.37
CA GLN B 199 2.09 13.54 -1.05
C GLN B 199 1.77 13.55 0.45
N LYS B 200 1.51 12.40 1.07
CA LYS B 200 1.18 12.40 2.51
C LYS B 200 2.32 12.82 3.40
N PHE B 201 3.56 12.63 2.94
CA PHE B 201 4.72 13.01 3.76
C PHE B 201 5.34 14.32 3.29
N GLY B 202 4.73 14.97 2.30
CA GLY B 202 5.24 16.22 1.73
C GLY B 202 6.56 16.07 1.01
N VAL B 203 6.74 14.93 0.34
CA VAL B 203 8.02 14.63 -0.32
C VAL B 203 7.84 14.73 -1.81
N PRO B 204 8.64 15.58 -2.45
CA PRO B 204 8.41 15.74 -3.88
C PRO B 204 8.67 14.43 -4.64
N CYS B 205 7.84 14.20 -5.64
CA CYS B 205 7.77 12.93 -6.32
C CYS B 205 7.59 13.13 -7.80
N CYS B 206 8.38 12.40 -8.58
CA CYS B 206 8.21 12.35 -10.04
C CYS B 206 8.08 10.89 -10.47
N VAL B 207 7.02 10.62 -11.24
CA VAL B 207 6.79 9.29 -11.79
C VAL B 207 7.04 9.22 -13.30
N LEU B 208 8.07 8.45 -13.67
CA LEU B 208 8.47 8.22 -15.08
C LEU B 208 8.20 6.81 -15.52
N ARG B 209 7.72 6.67 -16.76
CA ARG B 209 7.45 5.36 -17.33
C ARG B 209 7.79 5.38 -18.83
N SER B 210 8.35 4.26 -19.30
CA SER B 210 8.51 3.99 -20.73
C SER B 210 7.57 2.87 -21.18
N ILE B 211 6.95 3.05 -22.34
CA ILE B 211 5.87 2.17 -22.80
C ILE B 211 6.42 0.80 -23.20
N SER B 212 5.89 -0.25 -22.56
CA SER B 212 6.28 -1.65 -22.80
C SER B 212 5.27 -2.42 -23.63
N ASP B 213 4.05 -1.90 -23.75
CA ASP B 213 2.96 -2.61 -24.42
C ASP B 213 1.80 -1.66 -24.58
N ASN B 214 0.71 -2.13 -25.18
CA ASN B 214 -0.48 -1.32 -25.42
C ASN B 214 -1.71 -1.72 -24.55
N ALA B 215 -1.49 -2.62 -23.60
CA ALA B 215 -2.51 -2.94 -22.60
C ALA B 215 -3.74 -3.60 -23.22
N ASP B 216 -3.49 -4.33 -24.30
CA ASP B 216 -4.53 -5.03 -25.06
C ASP B 216 -4.21 -6.51 -24.92
N GLU B 217 -4.81 -7.36 -25.75
CA GLU B 217 -4.65 -8.81 -25.55
C GLU B 217 -3.23 -9.28 -25.81
N LYS B 218 -2.43 -8.50 -26.54
CA LYS B 218 -1.03 -8.84 -26.82
C LYS B 218 -0.04 -8.45 -25.70
N ALA B 219 -0.54 -7.76 -24.69
CA ALA B 219 0.31 -7.02 -23.75
C ALA B 219 1.35 -7.91 -23.05
N GLY B 220 0.94 -9.10 -22.66
CA GLY B 220 1.86 -10.06 -22.06
C GLY B 220 3.10 -10.26 -22.91
N MET B 221 2.90 -10.47 -24.22
CA MET B 221 3.99 -10.80 -25.11
C MET B 221 4.83 -9.56 -25.37
N SER B 222 4.16 -8.47 -25.68
CA SER B 222 4.83 -7.20 -25.88
C SER B 222 5.60 -6.80 -24.62
N PHE B 223 4.96 -6.87 -23.44
CA PHE B 223 5.67 -6.62 -22.18
C PHE B 223 6.96 -7.48 -22.10
N ASP B 224 6.83 -8.78 -22.32
CA ASP B 224 7.99 -9.67 -22.27
C ASP B 224 9.09 -9.24 -23.24
N GLU B 225 8.73 -8.84 -24.46
CA GLU B 225 9.74 -8.47 -25.45
C GLU B 225 10.44 -7.16 -25.10
N PHE B 226 9.68 -6.18 -24.65
CA PHE B 226 10.21 -4.81 -24.51
C PHE B 226 10.59 -4.36 -23.08
N LEU B 227 10.46 -5.26 -22.10
CA LEU B 227 10.76 -4.92 -20.72
C LEU B 227 12.16 -4.31 -20.59
N GLU B 228 13.17 -5.03 -21.06
CA GLU B 228 14.56 -4.62 -20.87
C GLU B 228 14.83 -3.24 -21.53
N LYS B 229 14.42 -3.09 -22.79
CA LYS B 229 14.67 -1.86 -23.53
C LYS B 229 13.92 -0.69 -22.91
N SER B 230 12.63 -0.89 -22.68
CA SER B 230 11.81 0.13 -22.07
C SER B 230 12.32 0.50 -20.67
N ALA B 231 12.84 -0.48 -19.95
CA ALA B 231 13.38 -0.25 -18.63
C ALA B 231 14.61 0.63 -18.71
N HIS B 232 15.44 0.32 -19.70
CA HIS B 232 16.67 1.06 -19.91
C HIS B 232 16.34 2.50 -20.28
N THR B 233 15.45 2.66 -21.26
CA THR B 233 15.02 3.97 -21.69
C THR B 233 14.51 4.84 -20.54
N SER B 234 13.78 4.24 -19.58
CA SER B 234 13.33 4.98 -18.40
C SER B 234 14.49 5.27 -17.44
N ALA B 235 15.32 4.28 -17.18
CA ALA B 235 16.44 4.46 -16.26
C ALA B 235 17.41 5.56 -16.74
N LYS B 236 17.73 5.53 -18.04
CA LYS B 236 18.58 6.55 -18.67
C LYS B 236 18.05 7.95 -18.37
N PHE B 237 16.76 8.17 -18.63
CA PHE B 237 16.14 9.48 -18.41
C PHE B 237 16.10 9.87 -16.93
N LEU B 238 15.91 8.89 -16.04
CA LEU B 238 15.90 9.19 -14.61
C LEU B 238 17.27 9.70 -14.17
N LYS B 239 18.32 8.95 -14.54
CA LYS B 239 19.69 9.38 -14.26
C LYS B 239 19.92 10.81 -14.77
N SER B 240 19.49 11.07 -16.00
CA SER B 240 19.69 12.41 -16.54
C SER B 240 18.96 13.47 -15.68
N MET B 241 17.84 13.10 -15.05
CA MET B 241 17.19 13.97 -14.06
C MET B 241 18.05 14.14 -12.81
N VAL B 242 18.57 13.04 -12.30
CA VAL B 242 19.33 13.09 -11.07
C VAL B 242 20.61 13.92 -11.25
N ASP B 243 21.22 13.81 -12.44
CA ASP B 243 22.42 14.61 -12.79
C ASP B 243 22.19 16.11 -12.71
N GLU B 244 20.98 16.54 -13.01
CA GLU B 244 20.60 17.93 -12.94
C GLU B 244 20.11 18.37 -11.57
N LEU B 245 19.99 17.43 -10.63
CA LEU B 245 19.48 17.76 -9.30
C LEU B 245 20.58 18.24 -8.39
C1' 4EZ C . -13.40 -1.98 5.29
N1' 4EZ C . -14.85 -1.75 5.60
C11 4EZ C . -15.41 -1.22 4.33
C12 4EZ C . -15.60 0.29 4.31
C13 4EZ C . -16.93 0.59 3.60
C15 4EZ C . -17.31 2.74 2.33
C16 4EZ C . -17.64 4.22 2.44
C10 4EZ C . -15.35 -3.04 6.12
C9 4EZ C . -16.40 -3.79 5.33
C4 4EZ C . -16.43 -4.22 3.94
N3 4EZ C . -15.53 -4.09 2.96
C8 4EZ C . -17.61 -4.24 5.83
N7 4EZ C . -18.34 -4.87 4.88
C5 4EZ C . -17.71 -4.89 3.72
C6 4EZ C . -17.94 -5.41 2.37
N6 4EZ C . -19.07 -6.06 2.04
N1 4EZ C . -16.98 -5.23 1.46
C2 4EZ C . -15.83 -4.61 1.75
O1 4EZ C . -12.88 -0.76 4.84
C14 4EZ C . -17.40 2.04 3.69
ZN ZN D . -31.08 3.96 9.55
C1' 4EZ E . 3.92 -3.80 -13.05
N1' 4EZ E . 4.42 -3.74 -14.47
C11 4EZ E . 3.92 -5.02 -15.06
C12 4EZ E . 4.39 -6.25 -14.29
C13 4EZ E . 4.45 -7.53 -15.16
C15 4EZ E . 4.73 -9.95 -14.37
C16 4EZ E . 4.05 -11.13 -13.71
C10 4EZ E . 4.09 -2.47 -15.23
C9 4EZ E . 3.18 -2.62 -16.42
C4 4EZ E . 1.73 -2.82 -16.47
N3 4EZ E . 0.82 -2.89 -15.47
C8 4EZ E . 3.52 -2.65 -17.78
N7 4EZ E . 2.43 -2.85 -18.59
C5 4EZ E . 1.32 -2.94 -17.88
C6 4EZ E . -0.13 -3.18 -18.15
N6 4EZ E . -0.64 -3.31 -19.39
N1 4EZ E . -0.93 -3.21 -17.08
C2 4EZ E . -0.47 -3.08 -15.81
O1 4EZ E . 3.78 -2.54 -12.37
C14 4EZ E . 3.79 -8.75 -14.49
#